data_6ZZ1
#
_entry.id   6ZZ1
#
_cell.length_a   56.709
_cell.length_b   56.709
_cell.length_c   90.501
_cell.angle_alpha   90
_cell.angle_beta   90
_cell.angle_gamma   90
#
_symmetry.space_group_name_H-M   'P 43'
#
loop_
_entity.id
_entity.type
_entity.pdbx_description
1 polymer 'Mixed lineage kinase domain-like protein'
2 non-polymer 7-(2-methoxyethoxymethyl)-1,3-dimethyl-purine-2,6-dione
3 water water
#
_entity_poly.entity_id   1
_entity_poly.type   'polypeptide(L)'
_entity_poly.pdbx_seq_one_letter_code
;GSPGENLKHIITLGQVIHKRCEEMKYCKKQCRRLGHRVLGLIKPLEMLQDQGKRSVPSEKLTTAMNRFKAALEEANGEIE
KFSNRSNICRFLTASQDKILFKDVNRKLSDVWKELSLLLQVEQRMPVSPISQGASWAQEDQQDADEDRRAFQM
;
_entity_poly.pdbx_strand_id   A,B
#
loop_
_chem_comp.id
_chem_comp.type
_chem_comp.name
_chem_comp.formula
QOK non-polymer 7-(2-methoxyethoxymethyl)-1,3-dimethyl-purine-2,6-dione 'C11 H16 N4 O4'
#
# COMPACT_ATOMS: atom_id res chain seq x y z
N PRO A 3 -21.49 -1.46 -17.44
CA PRO A 3 -20.06 -1.64 -17.17
C PRO A 3 -19.42 -0.41 -16.52
N GLY A 4 -19.61 0.76 -17.13
CA GLY A 4 -19.11 2.01 -16.58
C GLY A 4 -19.88 2.43 -15.35
N GLU A 5 -21.19 2.16 -15.36
CA GLU A 5 -22.09 2.43 -14.25
C GLU A 5 -21.74 1.50 -13.07
N ASN A 6 -21.44 0.22 -13.37
CA ASN A 6 -21.09 -0.78 -12.36
C ASN A 6 -19.82 -0.38 -11.61
N LEU A 7 -18.83 0.09 -12.37
CA LEU A 7 -17.52 0.50 -11.85
C LEU A 7 -17.69 1.72 -10.93
N LYS A 8 -18.53 2.68 -11.36
CA LYS A 8 -18.81 3.89 -10.59
C LYS A 8 -19.53 3.54 -9.28
N HIS A 9 -20.45 2.58 -9.33
CA HIS A 9 -21.19 2.13 -8.14
C HIS A 9 -20.22 1.49 -7.11
N ILE A 10 -19.33 0.61 -7.57
CA ILE A 10 -18.37 -0.05 -6.68
C ILE A 10 -17.42 0.96 -6.04
N ILE A 11 -16.92 1.90 -6.85
CA ILE A 11 -16.01 2.92 -6.34
C ILE A 11 -16.69 3.79 -5.30
N THR A 12 -17.95 4.17 -5.56
CA THR A 12 -18.73 4.97 -4.61
C THR A 12 -18.98 4.21 -3.30
N LEU A 13 -19.32 2.92 -3.39
CA LEU A 13 -19.49 2.04 -2.22
C LEU A 13 -18.20 2.06 -1.35
N GLY A 14 -17.05 1.92 -1.99
CA GLY A 14 -15.78 1.85 -1.29
C GLY A 14 -15.51 3.17 -0.57
N GLN A 15 -15.81 4.28 -1.25
CA GLN A 15 -15.62 5.60 -0.64
C GLN A 15 -16.54 5.84 0.55
N VAL A 16 -17.82 5.42 0.47
CA VAL A 16 -18.80 5.57 1.56
C VAL A 16 -18.41 4.68 2.75
N ILE A 17 -17.93 3.46 2.45
CA ILE A 17 -17.47 2.55 3.51
C ILE A 17 -16.28 3.21 4.26
N HIS A 18 -15.28 3.73 3.52
CA HIS A 18 -14.12 4.37 4.14
C HIS A 18 -14.54 5.56 5.02
N LYS A 19 -15.40 6.43 4.48
CA LYS A 19 -15.87 7.60 5.22
C LYS A 19 -16.62 7.18 6.49
N ARG A 20 -17.52 6.18 6.39
CA ARG A 20 -18.25 5.67 7.56
C ARG A 20 -17.30 5.04 8.61
N CYS A 21 -16.30 4.29 8.15
CA CYS A 21 -15.29 3.70 9.03
C CYS A 21 -14.50 4.80 9.77
N GLU A 22 -14.17 5.88 9.08
CA GLU A 22 -13.45 7.00 9.69
C GLU A 22 -14.20 7.65 10.84
N GLU A 23 -15.51 7.72 10.74
CA GLU A 23 -16.32 8.37 11.76
C GLU A 23 -16.69 7.47 12.91
N MET A 24 -16.49 6.13 12.78
CA MET A 24 -16.85 5.18 13.84
C MET A 24 -16.24 5.58 15.19
N LYS A 25 -17.07 5.57 16.23
CA LYS A 25 -16.65 5.97 17.57
C LYS A 25 -16.07 4.82 18.41
N TYR A 26 -16.41 3.60 18.05
CA TYR A 26 -16.00 2.41 18.80
C TYR A 26 -15.27 1.45 17.89
N CYS A 27 -14.36 0.64 18.47
CA CYS A 27 -13.55 -0.31 17.69
C CYS A 27 -12.79 0.39 16.54
N LYS A 28 -12.16 1.53 16.86
CA LYS A 28 -11.49 2.40 15.90
C LYS A 28 -10.38 1.70 15.10
N LYS A 29 -9.55 0.85 15.74
CA LYS A 29 -8.50 0.16 15.00
C LYS A 29 -9.10 -0.77 13.90
N GLN A 30 -10.11 -1.58 14.26
CA GLN A 30 -10.74 -2.48 13.30
C GLN A 30 -11.52 -1.75 12.20
N CYS A 31 -12.24 -0.66 12.58
CA CYS A 31 -13.01 0.08 11.60
C CYS A 31 -12.08 0.81 10.63
N ARG A 32 -11.04 1.43 11.15
CA ARG A 32 -10.05 2.14 10.31
C ARG A 32 -9.30 1.18 9.40
N ARG A 33 -9.03 -0.05 9.88
CA ARG A 33 -8.37 -1.04 9.04
C ARG A 33 -9.31 -1.44 7.86
N LEU A 34 -10.61 -1.68 8.16
CA LEU A 34 -11.56 -2.02 7.09
C LEU A 34 -11.63 -0.90 6.02
N GLY A 35 -11.73 0.35 6.44
CA GLY A 35 -11.80 1.48 5.51
C GLY A 35 -10.54 1.63 4.67
N HIS A 36 -9.37 1.42 5.30
CA HIS A 36 -8.07 1.52 4.63
C HIS A 36 -7.96 0.42 3.59
N ARG A 37 -8.32 -0.83 3.98
CA ARG A 37 -8.25 -1.96 3.03
C ARG A 37 -9.20 -1.71 1.84
N VAL A 38 -10.45 -1.30 2.09
CA VAL A 38 -11.39 -1.04 1.00
C VAL A 38 -10.88 0.05 0.06
N LEU A 39 -10.33 1.15 0.60
CA LEU A 39 -9.77 2.22 -0.24
C LEU A 39 -8.65 1.70 -1.14
N GLY A 40 -7.82 0.81 -0.63
CA GLY A 40 -6.72 0.20 -1.38
C GLY A 40 -7.17 -0.76 -2.48
N LEU A 41 -8.28 -1.45 -2.24
CA LEU A 41 -8.83 -2.38 -3.21
C LEU A 41 -9.53 -1.64 -4.33
N ILE A 42 -10.16 -0.48 -4.06
CA ILE A 42 -10.85 0.25 -5.14
C ILE A 42 -9.85 1.12 -5.98
N LYS A 43 -8.63 1.36 -5.50
CA LYS A 43 -7.64 2.15 -6.23
C LYS A 43 -7.42 1.65 -7.69
N PRO A 44 -7.16 0.34 -7.96
CA PRO A 44 -7.01 -0.09 -9.37
C PRO A 44 -8.31 0.02 -10.17
N LEU A 45 -9.48 -0.10 -9.51
CA LEU A 45 -10.76 0.10 -10.18
C LEU A 45 -10.93 1.57 -10.57
N GLU A 46 -10.41 2.51 -9.75
CA GLU A 46 -10.42 3.94 -10.08
C GLU A 46 -9.55 4.19 -11.30
N MET A 47 -8.39 3.53 -11.37
CA MET A 47 -7.45 3.63 -12.49
C MET A 47 -8.06 3.08 -13.78
N LEU A 48 -8.77 1.96 -13.69
CA LEU A 48 -9.47 1.35 -14.83
C LEU A 48 -10.60 2.30 -15.29
N GLN A 49 -11.30 2.93 -14.33
CA GLN A 49 -12.36 3.91 -14.64
C GLN A 49 -11.81 5.16 -15.38
N ASP A 50 -10.58 5.60 -15.02
CA ASP A 50 -9.89 6.77 -15.62
C ASP A 50 -9.62 6.67 -17.13
N GLN A 51 -9.90 5.51 -17.74
CA GLN A 51 -9.75 5.31 -19.18
C GLN A 51 -11.08 5.61 -19.90
N GLY A 52 -12.19 5.14 -19.31
CA GLY A 52 -13.53 5.36 -19.84
C GLY A 52 -14.06 4.19 -20.65
N SER A 55 -11.73 0.63 -21.97
CA SER A 55 -11.87 -0.76 -22.40
C SER A 55 -13.18 -1.41 -21.90
N VAL A 56 -13.59 -2.51 -22.56
CA VAL A 56 -14.80 -3.26 -22.21
C VAL A 56 -14.46 -4.50 -21.38
N PRO A 57 -15.09 -4.63 -20.20
CA PRO A 57 -14.82 -5.81 -19.37
C PRO A 57 -15.40 -7.08 -19.98
N SER A 58 -14.67 -8.21 -19.85
CA SER A 58 -15.14 -9.54 -20.28
C SER A 58 -16.28 -9.98 -19.32
N GLU A 59 -16.97 -11.10 -19.62
CA GLU A 59 -18.02 -11.54 -18.70
C GLU A 59 -17.45 -12.18 -17.41
N LYS A 60 -16.23 -12.71 -17.46
CA LYS A 60 -15.56 -13.23 -16.26
C LYS A 60 -15.19 -12.04 -15.34
N LEU A 61 -14.74 -10.92 -15.93
CA LEU A 61 -14.40 -9.73 -15.14
C LEU A 61 -15.67 -9.12 -14.55
N THR A 62 -16.77 -9.10 -15.33
CA THR A 62 -18.07 -8.59 -14.83
C THR A 62 -18.54 -9.43 -13.68
N THR A 63 -18.45 -10.76 -13.77
CA THR A 63 -18.83 -11.65 -12.68
C THR A 63 -18.00 -11.35 -11.40
N ALA A 64 -16.68 -11.26 -11.54
CA ALA A 64 -15.81 -10.97 -10.38
C ALA A 64 -16.11 -9.56 -9.79
N MET A 65 -16.38 -8.55 -10.64
CA MET A 65 -16.72 -7.23 -10.15
C MET A 65 -18.04 -7.24 -9.38
N ASN A 66 -19.03 -8.00 -9.86
CA ASN A 66 -20.32 -8.11 -9.21
C ASN A 66 -20.18 -8.81 -7.84
N ARG A 67 -19.31 -9.81 -7.74
CA ARG A 67 -19.07 -10.50 -6.47
C ARG A 67 -18.36 -9.54 -5.50
N PHE A 68 -17.43 -8.72 -6.02
CA PHE A 68 -16.76 -7.72 -5.19
C PHE A 68 -17.76 -6.68 -4.69
N LYS A 69 -18.67 -6.25 -5.57
CA LYS A 69 -19.77 -5.32 -5.20
C LYS A 69 -20.61 -5.92 -4.05
N ALA A 70 -20.95 -7.23 -4.13
CA ALA A 70 -21.72 -7.92 -3.09
C ALA A 70 -20.96 -7.95 -1.75
N ALA A 71 -19.61 -8.20 -1.77
CA ALA A 71 -18.84 -8.18 -0.52
C ALA A 71 -18.82 -6.75 0.08
N LEU A 72 -18.66 -5.72 -0.76
CA LEU A 72 -18.68 -4.31 -0.30
C LEU A 72 -20.05 -3.95 0.30
N GLU A 73 -21.14 -4.42 -0.32
CA GLU A 73 -22.49 -4.17 0.20
C GLU A 73 -22.65 -4.80 1.58
N GLU A 74 -22.10 -6.00 1.76
CA GLU A 74 -22.13 -6.65 3.08
C GLU A 74 -21.31 -5.84 4.11
N ALA A 75 -20.14 -5.31 3.69
CA ALA A 75 -19.29 -4.53 4.61
C ALA A 75 -20.03 -3.24 5.00
N ASN A 76 -20.70 -2.60 4.03
CA ASN A 76 -21.51 -1.38 4.28
C ASN A 76 -22.66 -1.68 5.26
N GLY A 77 -23.30 -2.85 5.12
CA GLY A 77 -24.38 -3.25 6.03
C GLY A 77 -23.85 -3.49 7.44
N GLU A 78 -22.64 -4.07 7.55
CA GLU A 78 -22.03 -4.29 8.86
C GLU A 78 -21.62 -2.96 9.53
N ILE A 79 -21.04 -2.01 8.77
N ILE A 79 -21.03 -2.01 8.76
CA ILE A 79 -20.69 -0.72 9.33
CA ILE A 79 -20.64 -0.70 9.31
C ILE A 79 -21.93 0.04 9.78
C ILE A 79 -21.88 0.11 9.72
N GLU A 80 -23.01 -0.05 9.02
CA GLU A 80 -24.29 0.62 9.35
C GLU A 80 -24.82 0.04 10.67
N LYS A 81 -24.79 -1.29 10.79
CA LYS A 81 -25.24 -2.02 11.98
C LYS A 81 -24.42 -1.58 13.21
N PHE A 82 -23.10 -1.52 13.07
CA PHE A 82 -22.22 -1.20 14.18
C PHE A 82 -22.18 0.31 14.51
N SER A 83 -22.80 1.18 13.69
CA SER A 83 -22.92 2.60 14.06
C SER A 83 -23.79 2.76 15.35
N ASN A 84 -24.56 1.72 15.70
CA ASN A 84 -25.35 1.64 16.91
C ASN A 84 -24.50 0.93 17.98
N ARG A 85 -24.07 1.67 19.04
CA ARG A 85 -23.24 1.13 20.12
C ARG A 85 -23.73 -0.21 20.69
N SER A 86 -25.05 -0.34 20.94
CA SER A 86 -25.63 -1.58 21.47
C SER A 86 -25.34 -2.82 20.59
N ASN A 87 -25.41 -2.67 19.25
CA ASN A 87 -25.15 -3.78 18.34
C ASN A 87 -23.70 -4.24 18.43
N ILE A 88 -22.75 -3.26 18.61
CA ILE A 88 -21.33 -3.59 18.81
C ILE A 88 -21.20 -4.42 20.11
N CYS A 89 -21.77 -3.89 21.24
CA CYS A 89 -21.65 -4.57 22.52
C CYS A 89 -22.25 -5.96 22.48
N ARG A 90 -23.43 -6.09 21.89
CA ARG A 90 -24.05 -7.40 21.71
C ARG A 90 -23.18 -8.34 20.86
N PHE A 91 -22.74 -7.92 19.66
CA PHE A 91 -21.89 -8.77 18.82
C PHE A 91 -20.61 -9.23 19.53
N LEU A 92 -19.89 -8.29 20.19
CA LEU A 92 -18.61 -8.64 20.81
C LEU A 92 -18.75 -9.58 22.01
N THR A 93 -19.81 -9.42 22.78
CA THR A 93 -20.07 -10.31 23.92
C THR A 93 -20.34 -11.78 23.46
N ALA A 94 -20.92 -11.92 22.25
CA ALA A 94 -21.22 -13.22 21.68
C ALA A 94 -20.04 -13.82 20.88
N SER A 95 -19.18 -12.96 20.33
CA SER A 95 -18.02 -13.38 19.52
C SER A 95 -16.98 -14.15 20.32
N GLN A 96 -16.23 -15.06 19.68
CA GLN A 96 -15.19 -15.82 20.36
C GLN A 96 -13.85 -15.05 20.33
N ASP A 97 -13.42 -14.62 19.14
CA ASP A 97 -12.15 -13.90 18.92
C ASP A 97 -12.23 -12.38 19.05
N LYS A 98 -13.46 -11.84 19.18
CA LYS A 98 -13.69 -10.41 19.32
C LYS A 98 -13.33 -9.60 18.05
N ILE A 99 -13.21 -10.29 16.90
CA ILE A 99 -12.92 -9.67 15.62
C ILE A 99 -14.24 -9.23 14.96
N LEU A 100 -14.49 -7.93 14.99
CA LEU A 100 -15.71 -7.30 14.56
C LEU A 100 -16.14 -7.62 13.12
N PHE A 101 -15.21 -7.63 12.18
CA PHE A 101 -15.53 -7.83 10.76
C PHE A 101 -14.98 -9.14 10.21
N LYS A 102 -14.88 -10.18 11.03
CA LYS A 102 -14.29 -11.45 10.61
C LYS A 102 -14.87 -12.02 9.31
N ASP A 103 -16.21 -12.18 9.23
CA ASP A 103 -16.84 -12.80 8.06
C ASP A 103 -16.64 -11.97 6.80
N VAL A 104 -16.96 -10.66 6.86
CA VAL A 104 -16.86 -9.83 5.67
C VAL A 104 -15.39 -9.65 5.24
N ASN A 105 -14.43 -9.69 6.17
CA ASN A 105 -13.01 -9.60 5.82
C ASN A 105 -12.57 -10.80 5.00
N ARG A 106 -13.05 -11.99 5.38
CA ARG A 106 -12.80 -13.23 4.66
C ARG A 106 -13.37 -13.13 3.24
N LYS A 107 -14.64 -12.69 3.10
CA LYS A 107 -15.29 -12.54 1.79
C LYS A 107 -14.56 -11.52 0.94
N LEU A 108 -14.16 -10.37 1.51
CA LEU A 108 -13.44 -9.34 0.77
C LEU A 108 -12.12 -9.88 0.24
N SER A 109 -11.38 -10.56 1.11
CA SER A 109 -10.12 -11.16 0.72
C SER A 109 -10.30 -12.23 -0.39
N ASP A 110 -11.28 -13.14 -0.23
CA ASP A 110 -11.47 -14.20 -1.22
C ASP A 110 -11.91 -13.65 -2.58
N VAL A 111 -12.93 -12.74 -2.59
CA VAL A 111 -13.39 -12.19 -3.86
C VAL A 111 -12.32 -11.28 -4.49
N TRP A 112 -11.51 -10.57 -3.69
CA TRP A 112 -10.48 -9.71 -4.23
C TRP A 112 -9.42 -10.48 -5.00
N LYS A 113 -9.03 -11.65 -4.50
CA LYS A 113 -8.01 -12.46 -5.16
C LYS A 113 -8.40 -12.83 -6.61
N GLU A 114 -9.67 -13.16 -6.80
CA GLU A 114 -10.16 -13.53 -8.13
C GLU A 114 -10.20 -12.29 -9.03
N LEU A 115 -10.71 -11.18 -8.49
CA LEU A 115 -10.80 -9.95 -9.24
C LEU A 115 -9.41 -9.37 -9.64
N SER A 116 -8.44 -9.30 -8.72
CA SER A 116 -7.14 -8.73 -9.08
C SER A 116 -6.44 -9.56 -10.10
N LEU A 117 -6.60 -10.90 -10.05
CA LEU A 117 -5.98 -11.75 -11.08
C LEU A 117 -6.56 -11.44 -12.46
N LEU A 118 -7.88 -11.21 -12.55
CA LEU A 118 -8.49 -10.84 -13.82
C LEU A 118 -8.07 -9.42 -14.28
N LEU A 119 -7.90 -8.48 -13.34
CA LEU A 119 -7.43 -7.12 -13.70
C LEU A 119 -5.98 -7.18 -14.22
N GLN A 120 -5.15 -8.04 -13.62
CA GLN A 120 -3.76 -8.20 -14.07
C GLN A 120 -3.69 -8.87 -15.46
N VAL A 121 -4.40 -9.99 -15.64
CA VAL A 121 -4.35 -10.76 -16.89
C VAL A 121 -5.13 -10.09 -18.04
N GLU A 122 -6.31 -9.53 -17.75
CA GLU A 122 -7.15 -8.97 -18.80
C GLU A 122 -7.02 -7.47 -19.01
N GLN A 123 -6.71 -6.71 -17.97
CA GLN A 123 -6.61 -5.24 -18.11
C GLN A 123 -5.22 -4.66 -17.85
N ARG A 124 -4.24 -5.53 -17.60
CA ARG A 124 -2.86 -5.18 -17.31
C ARG A 124 -2.70 -4.24 -16.11
N MET A 125 -3.25 -4.66 -14.95
CA MET A 125 -3.09 -3.99 -13.67
C MET A 125 -1.71 -4.45 -13.18
N PRO A 126 -0.86 -3.50 -12.73
CA PRO A 126 0.46 -3.91 -12.21
C PRO A 126 0.39 -4.65 -10.88
N GLN A 132 -3.36 -8.39 -1.64
CA GLN A 132 -3.53 -9.76 -1.16
C GLN A 132 -3.75 -9.73 0.34
N GLY A 133 -4.71 -10.52 0.81
CA GLY A 133 -5.08 -10.52 2.22
C GLY A 133 -4.45 -11.59 3.09
N ALA A 134 -3.12 -11.77 2.96
CA ALA A 134 -2.36 -12.79 3.71
C ALA A 134 -2.12 -12.39 5.19
N SER A 135 -1.67 -11.15 5.44
CA SER A 135 -1.47 -10.67 6.80
C SER A 135 -2.78 -10.22 7.49
N TRP A 136 -3.92 -10.26 6.79
CA TRP A 136 -5.19 -9.77 7.31
C TRP A 136 -5.69 -10.43 8.60
N ALA A 137 -5.70 -11.78 8.71
CA ALA A 137 -6.17 -12.40 9.95
C ALA A 137 -5.28 -12.07 11.16
N GLN A 138 -3.99 -11.84 10.91
CA GLN A 138 -2.99 -11.48 11.91
C GLN A 138 -3.23 -10.03 12.34
N GLU A 139 -3.41 -9.13 11.35
CA GLU A 139 -3.73 -7.73 11.62
C GLU A 139 -5.04 -7.63 12.38
N ASP A 140 -6.04 -8.46 12.03
CA ASP A 140 -7.35 -8.47 12.69
C ASP A 140 -7.24 -8.83 14.15
N GLN A 141 -6.45 -9.85 14.50
CA GLN A 141 -6.30 -10.19 15.92
C GLN A 141 -5.60 -9.04 16.67
N GLN A 142 -4.55 -8.41 16.09
CA GLN A 142 -3.89 -7.28 16.75
C GLN A 142 -4.81 -6.06 16.92
N ASP A 143 -5.55 -5.69 15.88
CA ASP A 143 -6.49 -4.58 15.95
C ASP A 143 -7.60 -4.89 16.99
N ALA A 144 -8.07 -6.14 17.03
CA ALA A 144 -9.12 -6.54 18.00
C ALA A 144 -8.59 -6.42 19.43
N ASP A 145 -7.31 -6.75 19.65
CA ASP A 145 -6.69 -6.65 20.98
C ASP A 145 -6.52 -5.21 21.38
N GLU A 146 -6.04 -4.34 20.43
CA GLU A 146 -5.87 -2.91 20.69
C GLU A 146 -7.23 -2.29 21.04
N ASP A 147 -8.31 -2.69 20.28
CA ASP A 147 -9.68 -2.21 20.55
C ASP A 147 -10.24 -2.68 21.90
N ARG A 148 -9.99 -3.94 22.25
CA ARG A 148 -10.45 -4.50 23.52
C ARG A 148 -9.77 -3.78 24.69
N ARG A 149 -8.44 -3.51 24.57
CA ARG A 149 -7.62 -2.75 25.54
C ARG A 149 -8.10 -1.30 25.72
N ALA A 150 -8.44 -0.62 24.60
CA ALA A 150 -8.94 0.75 24.68
C ALA A 150 -10.25 0.78 25.48
N PHE A 151 -11.10 -0.25 25.28
CA PHE A 151 -12.41 -0.40 25.94
C PHE A 151 -12.26 -0.76 27.41
N GLN A 152 -11.27 -1.58 27.75
CA GLN A 152 -11.09 -2.06 29.13
C GLN A 152 -10.45 -1.05 30.10
N MET A 153 -10.00 0.15 29.66
CA MET A 153 -9.40 1.11 30.59
C MET A 153 -10.39 1.70 31.58
N PRO B 3 1.58 22.01 -0.01
CA PRO B 3 1.28 20.74 0.66
C PRO B 3 0.77 19.67 -0.33
N GLY B 4 -0.24 20.03 -1.12
CA GLY B 4 -0.79 19.16 -2.15
C GLY B 4 0.16 19.00 -3.32
N GLU B 5 0.89 20.10 -3.64
CA GLU B 5 1.90 20.12 -4.68
C GLU B 5 3.09 19.25 -4.26
N ASN B 6 3.49 19.33 -2.98
CA ASN B 6 4.62 18.58 -2.44
C ASN B 6 4.35 17.07 -2.53
N LEU B 7 3.14 16.67 -2.17
CA LEU B 7 2.68 15.29 -2.16
C LEU B 7 2.69 14.72 -3.60
N LYS B 8 2.18 15.52 -4.55
CA LYS B 8 2.14 15.15 -5.98
C LYS B 8 3.54 14.98 -6.54
N HIS B 9 4.47 15.88 -6.15
CA HIS B 9 5.87 15.83 -6.58
C HIS B 9 6.54 14.52 -6.09
N ILE B 10 6.37 14.18 -4.81
CA ILE B 10 6.96 12.97 -4.24
C ILE B 10 6.41 11.72 -4.90
N ILE B 11 5.09 11.68 -5.13
CA ILE B 11 4.46 10.51 -5.76
C ILE B 11 4.97 10.32 -7.17
N THR B 12 5.06 11.42 -7.92
CA THR B 12 5.60 11.39 -9.27
C THR B 12 7.06 10.95 -9.31
N LEU B 13 7.88 11.45 -8.40
CA LEU B 13 9.27 11.06 -8.31
C LEU B 13 9.43 9.56 -8.04
N GLY B 14 8.58 8.98 -7.15
CA GLY B 14 8.60 7.56 -6.87
C GLY B 14 8.28 6.75 -8.10
N GLN B 15 7.31 7.22 -8.87
CA GLN B 15 6.92 6.56 -10.12
C GLN B 15 8.03 6.64 -11.17
N VAL B 16 8.69 7.80 -11.28
CA VAL B 16 9.86 7.96 -12.16
C VAL B 16 11.00 6.97 -11.79
N ILE B 17 11.33 6.87 -10.48
CA ILE B 17 12.36 5.96 -10.02
C ILE B 17 12.00 4.51 -10.37
N HIS B 18 10.74 4.09 -10.12
CA HIS B 18 10.29 2.72 -10.43
C HIS B 18 10.47 2.43 -11.92
N LYS B 19 10.02 3.36 -12.77
CA LYS B 19 10.14 3.19 -14.22
C LYS B 19 11.61 3.06 -14.67
N ARG B 20 12.49 3.93 -14.14
CA ARG B 20 13.92 3.85 -14.46
C ARG B 20 14.56 2.54 -13.96
N CYS B 21 14.16 2.06 -12.76
CA CYS B 21 14.65 0.80 -12.24
C CYS B 21 14.21 -0.36 -13.15
N GLU B 22 12.97 -0.34 -13.64
CA GLU B 22 12.47 -1.37 -14.54
C GLU B 22 13.27 -1.47 -15.83
N GLU B 23 13.79 -0.34 -16.31
N GLU B 23 13.79 -0.32 -16.33
CA GLU B 23 14.54 -0.31 -17.57
CA GLU B 23 14.53 -0.31 -17.59
C GLU B 23 16.05 -0.57 -17.41
C GLU B 23 16.07 -0.43 -17.40
N MET B 24 16.55 -0.67 -16.18
CA MET B 24 17.98 -0.86 -15.95
C MET B 24 18.45 -2.19 -16.56
N LYS B 25 19.60 -2.15 -17.24
CA LYS B 25 20.11 -3.33 -17.95
C LYS B 25 21.02 -4.21 -17.12
N TYR B 26 21.61 -3.64 -16.07
CA TYR B 26 22.57 -4.36 -15.24
C TYR B 26 22.13 -4.31 -13.80
N CYS B 27 22.55 -5.32 -13.01
CA CYS B 27 22.15 -5.47 -11.60
C CYS B 27 20.63 -5.45 -11.45
N LYS B 28 19.94 -6.22 -12.30
CA LYS B 28 18.48 -6.27 -12.38
C LYS B 28 17.78 -6.63 -11.06
N LYS B 29 18.31 -7.59 -10.25
CA LYS B 29 17.65 -7.92 -8.98
C LYS B 29 17.67 -6.68 -8.04
N GLN B 30 18.83 -6.04 -7.90
CA GLN B 30 18.94 -4.86 -7.00
C GLN B 30 18.14 -3.65 -7.52
N CYS B 31 18.16 -3.41 -8.83
CA CYS B 31 17.40 -2.28 -9.40
C CYS B 31 15.90 -2.50 -9.27
N ARG B 32 15.38 -3.68 -9.68
CA ARG B 32 13.95 -3.97 -9.54
C ARG B 32 13.54 -3.94 -8.05
N ARG B 33 14.41 -4.40 -7.09
CA ARG B 33 14.08 -4.32 -5.66
C ARG B 33 13.90 -2.85 -5.22
N LEU B 34 14.83 -1.95 -5.64
CA LEU B 34 14.70 -0.52 -5.33
C LEU B 34 13.40 0.05 -5.87
N GLY B 35 13.09 -0.27 -7.14
CA GLY B 35 11.86 0.20 -7.78
C GLY B 35 10.61 -0.25 -7.06
N HIS B 36 10.55 -1.56 -6.71
N HIS B 36 10.49 -1.55 -6.72
CA HIS B 36 9.45 -2.23 -5.99
CA HIS B 36 9.27 -2.03 -6.06
C HIS B 36 9.25 -1.57 -4.62
C HIS B 36 9.20 -1.54 -4.58
N ARG B 37 10.34 -1.37 -3.87
CA ARG B 37 10.29 -0.75 -2.52
C ARG B 37 9.76 0.70 -2.60
N VAL B 38 10.26 1.49 -3.56
CA VAL B 38 9.81 2.88 -3.70
C VAL B 38 8.30 2.95 -4.01
N LEU B 39 7.80 2.06 -4.90
CA LEU B 39 6.37 2.02 -5.23
C LEU B 39 5.51 1.72 -3.99
N GLY B 40 6.02 0.84 -3.11
CA GLY B 40 5.34 0.49 -1.86
C GLY B 40 5.33 1.62 -0.82
N LEU B 41 6.38 2.44 -0.82
CA LEU B 41 6.48 3.56 0.10
C LEU B 41 5.59 4.70 -0.31
N ILE B 42 5.39 4.92 -1.64
CA ILE B 42 4.52 6.01 -2.04
C ILE B 42 3.00 5.64 -1.99
N LYS B 43 2.67 4.33 -1.89
CA LYS B 43 1.25 3.91 -1.83
C LYS B 43 0.44 4.64 -0.71
N PRO B 44 0.89 4.73 0.58
CA PRO B 44 0.10 5.48 1.57
C PRO B 44 0.04 6.99 1.29
N LEU B 45 1.07 7.54 0.63
CA LEU B 45 1.04 8.95 0.23
C LEU B 45 -0.02 9.15 -0.86
N GLU B 46 -0.20 8.16 -1.76
CA GLU B 46 -1.24 8.21 -2.79
C GLU B 46 -2.61 8.21 -2.12
N MET B 47 -2.80 7.39 -1.07
CA MET B 47 -4.03 7.29 -0.31
C MET B 47 -4.34 8.60 0.43
N LEU B 48 -3.31 9.23 1.02
CA LEU B 48 -3.45 10.52 1.70
C LEU B 48 -3.83 11.60 0.66
N GLN B 49 -3.22 11.54 -0.54
CA GLN B 49 -3.51 12.47 -1.63
C GLN B 49 -4.99 12.35 -2.12
N ASP B 50 -5.54 11.12 -2.12
CA ASP B 50 -6.91 10.83 -2.54
C ASP B 50 -8.00 11.52 -1.71
N SER B 55 -7.05 17.19 4.42
CA SER B 55 -6.43 17.62 5.68
C SER B 55 -5.12 18.42 5.45
N VAL B 56 -4.74 19.25 6.45
CA VAL B 56 -3.53 20.06 6.41
C VAL B 56 -2.39 19.38 7.20
N PRO B 57 -1.23 19.19 6.56
CA PRO B 57 -0.11 18.57 7.26
C PRO B 57 0.49 19.51 8.29
N SER B 58 0.92 18.96 9.43
CA SER B 58 1.61 19.71 10.47
C SER B 58 3.03 20.07 10.00
N GLU B 59 3.79 20.89 10.80
CA GLU B 59 5.17 21.28 10.50
C GLU B 59 6.12 20.06 10.54
N LYS B 60 5.85 19.13 11.47
CA LYS B 60 6.66 17.93 11.63
C LYS B 60 6.42 16.98 10.44
N LEU B 61 5.16 16.88 9.96
CA LEU B 61 4.86 16.01 8.82
C LEU B 61 5.50 16.61 7.55
N THR B 62 5.44 17.96 7.41
CA THR B 62 6.08 18.61 6.26
C THR B 62 7.59 18.38 6.25
N THR B 63 8.24 18.51 7.40
CA THR B 63 9.67 18.25 7.53
C THR B 63 10.02 16.79 7.10
N ALA B 64 9.28 15.80 7.64
CA ALA B 64 9.49 14.38 7.29
C ALA B 64 9.25 14.13 5.77
N MET B 65 8.23 14.78 5.19
CA MET B 65 7.95 14.61 3.75
C MET B 65 9.09 15.17 2.89
N ASN B 66 9.64 16.32 3.32
CA ASN B 66 10.74 16.95 2.60
C ASN B 66 12.02 16.09 2.68
N ARG B 67 12.25 15.44 3.84
CA ARG B 67 13.40 14.55 3.99
C ARG B 67 13.21 13.29 3.10
N PHE B 68 11.97 12.80 3.00
CA PHE B 68 11.67 11.65 2.14
C PHE B 68 11.90 12.03 0.67
N LYS B 69 11.45 13.23 0.27
CA LYS B 69 11.69 13.78 -1.07
C LYS B 69 13.21 13.82 -1.39
N ALA B 70 14.04 14.29 -0.42
CA ALA B 70 15.51 14.33 -0.59
C ALA B 70 16.12 12.91 -0.74
N ALA B 71 15.61 11.91 0.01
CA ALA B 71 16.11 10.53 -0.15
C ALA B 71 15.72 9.98 -1.55
N LEU B 72 14.50 10.30 -2.04
CA LEU B 72 14.08 9.85 -3.38
C LEU B 72 14.95 10.50 -4.46
N GLU B 73 15.25 11.80 -4.29
CA GLU B 73 16.11 12.51 -5.26
C GLU B 73 17.51 11.89 -5.28
N GLU B 74 18.01 11.48 -4.12
N GLU B 74 18.02 11.46 -4.12
CA GLU B 74 19.29 10.82 -3.97
CA GLU B 74 19.31 10.81 -4.02
C GLU B 74 19.27 9.47 -4.70
C GLU B 74 19.31 9.42 -4.65
N ALA B 75 18.17 8.70 -4.56
CA ALA B 75 18.00 7.37 -5.21
C ALA B 75 17.99 7.58 -6.72
N ASN B 76 17.24 8.59 -7.20
CA ASN B 76 17.17 8.91 -8.61
C ASN B 76 18.58 9.29 -9.19
N GLY B 77 19.38 10.02 -8.42
CA GLY B 77 20.74 10.39 -8.80
C GLY B 77 21.64 9.17 -8.92
N GLU B 78 21.46 8.18 -8.01
CA GLU B 78 22.23 6.93 -8.06
C GLU B 78 21.83 6.09 -9.29
N ILE B 79 20.53 6.04 -9.59
CA ILE B 79 20.01 5.32 -10.76
C ILE B 79 20.55 5.94 -12.03
N GLU B 80 20.60 7.27 -12.10
CA GLU B 80 21.13 8.00 -13.24
C GLU B 80 22.62 7.70 -13.43
N LYS B 81 23.38 7.72 -12.33
CA LYS B 81 24.79 7.40 -12.33
C LYS B 81 25.03 5.96 -12.84
N PHE B 82 24.24 5.00 -12.35
CA PHE B 82 24.41 3.59 -12.72
C PHE B 82 23.82 3.24 -14.10
N SER B 83 23.10 4.18 -14.76
CA SER B 83 22.66 3.94 -16.14
C SER B 83 23.91 3.84 -17.09
N ASN B 84 25.09 4.31 -16.63
CA ASN B 84 26.36 4.22 -17.31
C ASN B 84 27.06 2.96 -16.81
N ARG B 85 27.17 1.94 -17.68
CA ARG B 85 27.78 0.66 -17.34
C ARG B 85 29.15 0.78 -16.63
N SER B 86 29.99 1.74 -17.03
CA SER B 86 31.32 1.95 -16.45
C SER B 86 31.30 2.38 -14.97
N ASN B 87 30.25 3.11 -14.57
CA ASN B 87 30.11 3.53 -13.17
C ASN B 87 29.71 2.33 -12.31
N ILE B 88 28.90 1.40 -12.82
CA ILE B 88 28.50 0.20 -12.07
C ILE B 88 29.74 -0.65 -11.73
N CYS B 89 30.58 -0.93 -12.73
CA CYS B 89 31.77 -1.75 -12.51
C CYS B 89 32.77 -1.10 -11.54
N ARG B 90 33.02 0.21 -11.71
CA ARG B 90 33.93 0.99 -10.89
C ARG B 90 33.43 0.96 -9.43
N PHE B 91 32.10 1.11 -9.25
CA PHE B 91 31.51 1.03 -7.91
C PHE B 91 31.64 -0.37 -7.29
N LEU B 92 31.24 -1.42 -8.03
CA LEU B 92 31.23 -2.81 -7.58
C LEU B 92 32.64 -3.39 -7.28
N THR B 93 33.65 -2.98 -8.06
CA THR B 93 35.02 -3.42 -7.84
C THR B 93 35.61 -2.79 -6.54
N ALA B 94 35.14 -1.58 -6.17
CA ALA B 94 35.57 -0.89 -4.97
C ALA B 94 34.76 -1.30 -3.73
N SER B 95 33.49 -1.68 -3.91
CA SER B 95 32.58 -2.08 -2.84
C SER B 95 33.03 -3.36 -2.13
N GLN B 96 32.73 -3.50 -0.83
CA GLN B 96 33.10 -4.70 -0.08
C GLN B 96 32.00 -5.77 -0.22
N ASP B 97 30.74 -5.38 0.02
CA ASP B 97 29.59 -6.28 -0.03
C ASP B 97 28.92 -6.40 -1.41
N LYS B 98 29.33 -5.57 -2.37
CA LYS B 98 28.78 -5.57 -3.73
C LYS B 98 27.30 -5.12 -3.81
N ILE B 99 26.79 -4.47 -2.74
CA ILE B 99 25.43 -3.95 -2.67
C ILE B 99 25.36 -2.55 -3.29
N LEU B 100 24.82 -2.49 -4.49
CA LEU B 100 24.74 -1.30 -5.32
C LEU B 100 24.11 -0.07 -4.65
N PHE B 101 22.99 -0.24 -3.96
CA PHE B 101 22.27 0.90 -3.38
C PHE B 101 22.31 0.89 -1.85
N LYS B 102 23.41 0.43 -1.25
CA LYS B 102 23.50 0.33 0.20
C LYS B 102 23.17 1.62 0.95
N ASP B 103 23.83 2.74 0.60
CA ASP B 103 23.62 4.00 1.30
C ASP B 103 22.22 4.56 1.11
N VAL B 104 21.71 4.62 -0.15
CA VAL B 104 20.38 5.18 -0.35
C VAL B 104 19.27 4.27 0.23
N ASN B 105 19.45 2.95 0.29
CA ASN B 105 18.43 2.07 0.89
C ASN B 105 18.31 2.36 2.39
N ARG B 106 19.47 2.59 3.04
CA ARG B 106 19.54 2.94 4.46
C ARG B 106 18.79 4.26 4.70
N LYS B 107 19.05 5.29 3.87
CA LYS B 107 18.40 6.60 3.99
C LYS B 107 16.92 6.48 3.75
N LEU B 108 16.50 5.73 2.71
CA LEU B 108 15.10 5.55 2.42
C LEU B 108 14.40 4.86 3.61
N SER B 109 15.00 3.80 4.14
CA SER B 109 14.44 3.09 5.28
C SER B 109 14.34 4.01 6.53
N ASP B 110 15.42 4.76 6.85
CA ASP B 110 15.42 5.61 8.04
C ASP B 110 14.43 6.77 7.93
N VAL B 111 14.41 7.48 6.78
CA VAL B 111 13.47 8.59 6.62
C VAL B 111 12.04 8.08 6.54
N TRP B 112 11.81 6.91 5.94
CA TRP B 112 10.47 6.37 5.82
C TRP B 112 9.87 6.07 7.18
N LYS B 113 10.64 5.46 8.07
CA LYS B 113 10.14 5.13 9.42
C LYS B 113 9.55 6.36 10.16
N GLU B 114 10.24 7.53 10.06
CA GLU B 114 9.79 8.76 10.71
C GLU B 114 8.51 9.24 10.05
N LEU B 115 8.47 9.22 8.70
CA LEU B 115 7.30 9.65 7.99
C LEU B 115 6.06 8.75 8.25
N SER B 116 6.20 7.40 8.17
CA SER B 116 5.04 6.55 8.40
C SER B 116 4.50 6.68 9.83
N LEU B 117 5.41 6.89 10.80
CA LEU B 117 4.95 7.09 12.20
C LEU B 117 4.10 8.36 12.32
N LEU B 118 4.49 9.46 11.63
CA LEU B 118 3.68 10.67 11.65
C LEU B 118 2.35 10.49 10.91
N LEU B 119 2.33 9.71 9.82
CA LEU B 119 1.08 9.44 9.09
C LEU B 119 0.12 8.61 9.97
N GLN B 120 0.66 7.68 10.76
CA GLN B 120 -0.14 6.87 11.69
C GLN B 120 -0.69 7.72 12.85
N VAL B 121 0.17 8.52 13.51
CA VAL B 121 -0.24 9.31 14.68
C VAL B 121 -1.09 10.55 14.32
N GLU B 122 -0.72 11.25 13.23
CA GLU B 122 -1.42 12.48 12.86
C GLU B 122 -2.52 12.33 11.83
N GLN B 123 -2.41 11.37 10.90
CA GLN B 123 -3.40 11.23 9.84
C GLN B 123 -4.21 9.91 9.92
N ARG B 124 -4.17 9.24 11.12
CA ARG B 124 -4.75 7.94 11.60
C ARG B 124 -4.86 6.87 10.50
N MET B 125 -3.73 6.63 9.87
CA MET B 125 -3.63 5.67 8.80
C MET B 125 -2.91 4.45 9.31
N PRO B 126 -3.50 3.24 9.09
CA PRO B 126 -2.83 1.99 9.49
C PRO B 126 -1.66 1.62 8.56
N GLY B 133 11.76 -1.42 6.93
CA GLY B 133 12.91 -1.96 6.21
C GLY B 133 13.80 -2.87 7.02
N ALA B 134 13.21 -3.83 7.76
CA ALA B 134 13.95 -4.78 8.62
C ALA B 134 14.67 -5.90 7.84
N SER B 135 13.96 -6.52 6.89
CA SER B 135 14.55 -7.57 6.05
C SER B 135 15.39 -6.97 4.90
N TRP B 136 15.45 -5.63 4.74
CA TRP B 136 16.14 -4.99 3.61
C TRP B 136 17.62 -5.31 3.47
N ALA B 137 18.45 -5.22 4.55
CA ALA B 137 19.87 -5.54 4.42
C ALA B 137 20.12 -7.02 4.04
N GLN B 138 19.22 -7.91 4.46
CA GLN B 138 19.26 -9.34 4.16
C GLN B 138 18.89 -9.55 2.69
N GLU B 139 17.79 -8.90 2.25
CA GLU B 139 17.36 -8.96 0.85
C GLU B 139 18.44 -8.38 -0.05
N ASP B 140 19.11 -7.29 0.38
CA ASP B 140 20.19 -6.66 -0.37
C ASP B 140 21.34 -7.58 -0.60
N GLN B 141 21.78 -8.33 0.43
CA GLN B 141 22.89 -9.26 0.23
C GLN B 141 22.48 -10.38 -0.76
N GLN B 142 21.25 -10.92 -0.63
CA GLN B 142 20.79 -11.95 -1.58
C GLN B 142 20.66 -11.43 -3.02
N ASP B 143 20.08 -10.23 -3.22
CA ASP B 143 19.96 -9.62 -4.55
C ASP B 143 21.36 -9.36 -5.14
N ALA B 144 22.30 -8.89 -4.30
CA ALA B 144 23.67 -8.62 -4.76
C ALA B 144 24.36 -9.90 -5.21
N ASP B 145 24.12 -11.01 -4.50
CA ASP B 145 24.72 -12.29 -4.86
C ASP B 145 24.11 -12.80 -6.15
N GLU B 146 22.75 -12.69 -6.32
CA GLU B 146 22.05 -13.12 -7.53
C GLU B 146 22.59 -12.32 -8.71
N ASP B 147 22.81 -10.98 -8.53
CA ASP B 147 23.36 -10.11 -9.57
C ASP B 147 24.80 -10.45 -9.94
N ARG B 148 25.64 -10.74 -8.92
CA ARG B 148 27.04 -11.09 -9.13
C ARG B 148 27.13 -12.39 -9.93
N ARG B 149 26.29 -13.39 -9.57
CA ARG B 149 26.18 -14.69 -10.25
C ARG B 149 25.72 -14.56 -11.71
N ALA B 150 24.72 -13.70 -11.98
CA ALA B 150 24.26 -13.48 -13.35
C ALA B 150 25.40 -12.91 -14.21
N PHE B 151 26.22 -12.01 -13.62
CA PHE B 151 27.36 -11.36 -14.28
C PHE B 151 28.52 -12.33 -14.50
N GLN B 152 28.76 -13.24 -13.54
CA GLN B 152 29.89 -14.16 -13.62
C GLN B 152 29.69 -15.34 -14.58
N3 QOK C . -18.71 -1.86 23.04
C4 QOK C . -16.23 -2.23 22.48
C7 QOK C . -19.60 -2.65 23.77
C8 QOK C . -18.98 -0.60 22.36
C17 QOK C . -18.40 1.76 25.08
C1 QOK C . -17.49 -2.51 23.10
N9 QOK C . -15.27 -3.22 22.71
C14 QOK C . -13.98 -3.08 22.03
O10 QOK C . -15.98 -1.26 21.77
O13 QOK C . -19.20 0.46 23.26
C16 QOK C . -18.02 0.96 23.87
O18 QOK C . -19.02 2.97 24.68
C19 QOK C . -19.39 3.77 25.79
N6 QOK C . -19.00 -3.72 24.28
C2 QOK C . -17.71 -3.61 23.85
N5 QOK C . -16.71 -4.55 24.07
C11 QOK C . -15.45 -4.35 23.51
O15 QOK C . -14.53 -5.14 23.70
C12 QOK C . -16.96 -5.77 24.85
N3 QOK D . 29.16 -4.50 -14.33
C4 QOK D . 27.76 -6.08 -12.86
C7 QOK D . 30.50 -4.17 -14.24
C8 QOK D . 28.12 -3.97 -15.20
C17 QOK D . 28.41 -6.24 -18.03
C1 QOK D . 28.95 -5.45 -13.34
N9 QOK D . 28.01 -6.93 -11.76
C14 QOK D . 26.86 -7.54 -11.10
O10 QOK D . 26.61 -5.94 -13.31
O13 QOK D . 28.26 -4.41 -16.53
C16 QOK D . 27.84 -5.75 -16.74
O18 QOK D . 27.78 -5.60 -19.12
C19 QOK D . 28.29 -6.03 -20.38
N6 QOK D . 31.15 -4.89 -13.35
C2 QOK D . 30.18 -5.66 -12.79
N5 QOK D . 30.37 -6.51 -11.72
C11 QOK D . 29.27 -7.18 -11.19
O15 QOK D . 29.40 -7.94 -10.25
C12 QOK D . 31.68 -6.69 -11.09
#